data_8AAA
#
_entry.id   8AAA
#
_cell.length_a   112.2
_cell.length_b   112.2
_cell.length_c   35.534
_cell.angle_alpha   90
_cell.angle_beta   90
_cell.angle_gamma   120
#
_symmetry.space_group_name_H-M   'P 32 2 1'
#
loop_
_entity.id
_entity.type
_entity.pdbx_description
1 polymer 'Spike protein S1'
2 polymer 'Stapled peptide'
3 non-polymer "1,1',1''-(1,3,5-triazinane-1,3,5-triyl)tripropan-1-one"
4 water water
#
loop_
_entity_poly.entity_id
_entity_poly.type
_entity_poly.pdbx_seq_one_letter_code
_entity_poly.pdbx_strand_id
1 'polypeptide(L)'
;GSGTNLCPFGEVFNATRFASVYAWNRKRISNCVADYSVLYNSASFSTFKCYGVSPTKLNDLCFTNVYADSFVIRGDEVRQ
IAPGQTGKIADYNYKLPDDFTGCVIAWNSNNLDSKVGGNYNYLYRLFRKSNLKPFERDISTEIYQAGSTPCNGVEGFNCY
FPLQSYGFQPTNGVGYQPYRVVVLSFELLHAPATVCGP
;
A
2 'polypeptide(L)' ACMFVPCAVRHALGLCA(NH2) B
#
# COMPACT_ATOMS: atom_id res chain seq x y z
N LEU A 6 -1.81 -17.01 18.24
CA LEU A 6 -2.38 -17.35 16.93
C LEU A 6 -2.51 -16.07 16.05
N CYS A 7 -1.43 -15.69 15.34
CA CYS A 7 -1.32 -14.48 14.52
C CYS A 7 -2.38 -14.37 13.46
N PRO A 8 -2.92 -13.16 13.27
CA PRO A 8 -3.99 -12.99 12.28
C PRO A 8 -3.44 -12.66 10.89
N PHE A 9 -2.47 -13.45 10.41
CA PHE A 9 -1.91 -13.25 9.07
C PHE A 9 -2.96 -13.44 8.01
N GLY A 10 -3.82 -14.45 8.19
CA GLY A 10 -4.89 -14.77 7.27
C GLY A 10 -5.84 -13.62 7.02
N GLU A 11 -6.20 -12.88 8.08
CA GLU A 11 -7.14 -11.76 7.93
C GLU A 11 -6.54 -10.58 7.15
N VAL A 12 -5.22 -10.43 7.16
CA VAL A 12 -4.56 -9.37 6.40
C VAL A 12 -4.84 -9.57 4.89
N PHE A 13 -4.67 -10.81 4.42
CA PHE A 13 -4.87 -11.19 3.02
C PHE A 13 -6.32 -11.24 2.67
N ASN A 14 -7.14 -11.78 3.56
CA ASN A 14 -8.57 -11.97 3.30
C ASN A 14 -9.46 -10.77 3.65
N ALA A 15 -8.89 -9.64 4.08
CA ALA A 15 -9.71 -8.47 4.42
C ALA A 15 -10.60 -8.02 3.27
N THR A 16 -11.89 -7.80 3.55
CA THR A 16 -12.85 -7.38 2.54
C THR A 16 -12.46 -6.03 1.98
N ARG A 17 -12.09 -5.08 2.85
CA ARG A 17 -11.68 -3.75 2.39
C ARG A 17 -10.19 -3.60 2.41
N PHE A 18 -9.65 -2.96 1.36
CA PHE A 18 -8.24 -2.63 1.30
C PHE A 18 -8.11 -1.11 1.24
N ALA A 19 -7.00 -0.60 1.76
CA ALA A 19 -6.74 0.81 1.79
C ALA A 19 -6.30 1.36 0.42
N SER A 20 -6.53 2.66 0.18
CA SER A 20 -5.95 3.37 -0.94
C SER A 20 -4.44 3.43 -0.57
N VAL A 21 -3.56 3.48 -1.57
CA VAL A 21 -2.13 3.44 -1.29
C VAL A 21 -1.58 4.68 -0.57
N TYR A 22 -2.17 5.90 -0.76
CA TYR A 22 -1.65 7.06 -0.02
C TYR A 22 -1.90 6.84 1.52
N ALA A 23 -3.02 6.20 1.87
CA ALA A 23 -3.44 5.90 3.25
C ALA A 23 -3.18 4.46 3.60
N TRP A 24 -2.07 3.88 3.11
CA TRP A 24 -1.76 2.47 3.37
C TRP A 24 -1.92 2.04 4.84
N ASN A 25 -2.62 0.96 5.03
CA ASN A 25 -2.92 0.42 6.33
C ASN A 25 -1.77 -0.42 6.87
N ARG A 26 -1.41 -0.24 8.15
CA ARG A 26 -0.37 -1.03 8.80
C ARG A 26 -1.00 -1.82 9.93
N LYS A 27 -0.64 -3.10 10.02
CA LYS A 27 -1.17 -3.96 11.06
C LYS A 27 0.02 -4.55 11.74
N ARG A 28 0.21 -4.21 13.00
CA ARG A 28 1.34 -4.72 13.76
C ARG A 28 0.96 -6.09 14.29
N ILE A 29 1.83 -7.08 14.09
CA ILE A 29 1.62 -8.45 14.53
C ILE A 29 2.67 -8.73 15.59
N SER A 30 2.23 -9.16 16.78
CA SER A 30 3.11 -9.46 17.92
C SER A 30 2.41 -10.35 18.95
N ASN A 31 3.20 -10.97 19.86
CA ASN A 31 2.74 -11.83 20.96
C ASN A 31 1.77 -12.89 20.47
N CYS A 32 2.17 -13.66 19.45
CA CYS A 32 1.28 -14.65 18.86
C CYS A 32 2.03 -15.80 18.16
N VAL A 33 1.30 -16.90 17.85
CA VAL A 33 1.91 -18.03 17.16
C VAL A 33 1.67 -17.82 15.68
N ALA A 34 2.74 -17.74 14.91
CA ALA A 34 2.64 -17.47 13.49
C ALA A 34 2.26 -18.66 12.62
N ASP A 35 1.17 -18.48 11.86
CA ASP A 35 0.73 -19.46 10.88
C ASP A 35 1.19 -18.90 9.53
N TYR A 36 2.26 -19.46 8.96
CA TYR A 36 2.81 -18.96 7.68
C TYR A 36 2.32 -19.69 6.43
N SER A 37 1.25 -20.49 6.56
CA SER A 37 0.66 -21.28 5.48
C SER A 37 0.44 -20.56 4.17
N VAL A 38 -0.09 -19.32 4.20
CA VAL A 38 -0.33 -18.59 2.96
C VAL A 38 0.97 -18.28 2.22
N LEU A 39 2.08 -18.11 2.94
CA LEU A 39 3.37 -17.86 2.29
C LEU A 39 3.92 -19.11 1.57
N TYR A 40 3.43 -20.31 1.93
CA TYR A 40 3.83 -21.53 1.22
C TYR A 40 3.11 -21.64 -0.16
N ASN A 41 1.96 -21.00 -0.28
CA ASN A 41 1.14 -20.96 -1.48
C ASN A 41 1.55 -19.80 -2.39
N SER A 42 2.85 -19.49 -2.45
CA SER A 42 3.36 -18.35 -3.23
C SER A 42 3.01 -18.42 -4.73
N ALA A 43 2.80 -19.64 -5.26
CA ALA A 43 2.42 -19.87 -6.65
C ALA A 43 1.04 -19.25 -6.99
N SER A 44 0.18 -19.03 -6.00
CA SER A 44 -1.13 -18.43 -6.22
C SER A 44 -1.12 -16.88 -6.27
N PHE A 45 0.03 -16.25 -6.05
CA PHE A 45 0.13 -14.80 -6.10
C PHE A 45 0.86 -14.36 -7.35
N SER A 46 0.43 -13.25 -7.97
CA SER A 46 1.13 -12.77 -9.17
C SER A 46 2.51 -12.26 -8.80
N THR A 47 2.67 -11.62 -7.64
CA THR A 47 3.98 -11.20 -7.15
C THR A 47 4.22 -11.83 -5.80
N PHE A 48 5.44 -12.30 -5.58
CA PHE A 48 5.81 -12.85 -4.31
C PHE A 48 7.31 -12.77 -4.24
N LYS A 49 7.83 -11.68 -3.69
CA LYS A 49 9.28 -11.48 -3.60
C LYS A 49 9.73 -11.29 -2.18
N CYS A 50 10.58 -12.20 -1.71
CA CYS A 50 11.10 -12.10 -0.35
C CYS A 50 12.54 -11.62 -0.38
N TYR A 51 12.85 -10.71 0.54
CA TYR A 51 14.15 -10.09 0.68
C TYR A 51 14.64 -10.45 2.07
N GLY A 52 15.66 -11.30 2.14
CA GLY A 52 16.24 -11.74 3.40
C GLY A 52 15.33 -12.64 4.23
N VAL A 53 14.40 -13.35 3.58
CA VAL A 53 13.46 -14.22 4.27
C VAL A 53 13.15 -15.47 3.41
N SER A 54 12.85 -16.58 4.06
CA SER A 54 12.45 -17.79 3.38
C SER A 54 11.23 -18.31 4.11
N PRO A 55 10.07 -18.39 3.41
CA PRO A 55 8.84 -18.83 4.09
C PRO A 55 8.97 -20.16 4.83
N THR A 56 9.70 -21.12 4.25
CA THR A 56 9.91 -22.44 4.87
C THR A 56 10.84 -22.42 6.09
N LYS A 57 11.48 -21.27 6.39
CA LYS A 57 12.39 -21.10 7.52
C LYS A 57 11.84 -20.17 8.62
N LEU A 58 10.73 -19.46 8.35
CA LEU A 58 10.08 -18.54 9.28
C LEU A 58 9.57 -19.22 10.56
N ASN A 59 9.26 -20.52 10.49
CA ASN A 59 8.84 -21.32 11.66
C ASN A 59 10.02 -21.41 12.67
N ASP A 60 11.24 -21.58 12.16
N ASP A 60 11.24 -21.58 12.16
CA ASP A 60 12.45 -21.69 12.99
CA ASP A 60 12.45 -21.69 12.98
C ASP A 60 12.90 -20.33 13.54
C ASP A 60 12.90 -20.33 13.54
N LEU A 61 12.56 -19.24 12.85
CA LEU A 61 12.92 -17.91 13.28
C LEU A 61 11.91 -17.32 14.25
N CYS A 62 12.34 -16.31 15.02
CA CYS A 62 11.48 -15.60 15.97
C CYS A 62 11.66 -14.10 15.80
N PHE A 63 10.57 -13.34 15.86
CA PHE A 63 10.64 -11.90 15.64
C PHE A 63 9.97 -11.10 16.75
N THR A 64 10.37 -9.83 16.92
CA THR A 64 9.75 -8.97 17.92
C THR A 64 8.43 -8.44 17.38
N ASN A 65 8.42 -8.01 16.12
CA ASN A 65 7.23 -7.48 15.47
C ASN A 65 7.20 -7.84 14.00
N VAL A 66 6.00 -7.93 13.43
CA VAL A 66 5.83 -8.17 12.02
C VAL A 66 4.77 -7.17 11.57
N TYR A 67 5.11 -6.26 10.67
CA TYR A 67 4.11 -5.29 10.18
C TYR A 67 3.57 -5.73 8.85
N ALA A 68 2.27 -5.65 8.69
CA ALA A 68 1.62 -6.00 7.45
C ALA A 68 0.96 -4.76 6.88
N ASP A 69 1.60 -4.19 5.86
CA ASP A 69 1.09 -3.02 5.16
C ASP A 69 0.30 -3.50 3.97
N SER A 70 -0.90 -2.93 3.73
CA SER A 70 -1.71 -3.40 2.63
C SER A 70 -2.46 -2.28 1.92
N PHE A 71 -2.56 -2.39 0.61
CA PHE A 71 -3.13 -1.32 -0.21
C PHE A 71 -3.43 -1.79 -1.63
N VAL A 72 -4.05 -0.92 -2.44
CA VAL A 72 -4.33 -1.20 -3.84
C VAL A 72 -3.60 -0.18 -4.70
N ILE A 73 -2.91 -0.65 -5.75
CA ILE A 73 -2.21 0.14 -6.78
C ILE A 73 -2.48 -0.55 -8.16
N ARG A 74 -2.00 0.04 -9.29
CA ARG A 74 -2.12 -0.64 -10.58
C ARG A 74 -1.09 -1.80 -10.62
N GLY A 75 -1.32 -2.79 -11.47
CA GLY A 75 -0.36 -3.88 -11.65
C GLY A 75 0.97 -3.42 -12.18
N ASP A 76 0.96 -2.39 -13.06
CA ASP A 76 2.25 -1.87 -13.59
C ASP A 76 3.04 -1.05 -12.54
N GLU A 77 2.46 -0.88 -11.32
CA GLU A 77 3.08 -0.17 -10.21
C GLU A 77 3.62 -1.13 -9.17
N VAL A 78 3.28 -2.44 -9.20
CA VAL A 78 3.81 -3.42 -8.23
C VAL A 78 5.33 -3.44 -8.23
N ARG A 79 5.95 -3.27 -9.41
CA ARG A 79 7.41 -3.24 -9.49
C ARG A 79 8.03 -2.14 -8.62
N GLN A 80 7.28 -1.06 -8.34
CA GLN A 80 7.77 0.00 -7.48
C GLN A 80 7.80 -0.38 -6.00
N ILE A 81 7.09 -1.47 -5.58
CA ILE A 81 7.09 -1.89 -4.19
C ILE A 81 8.27 -2.81 -3.99
N ALA A 82 9.47 -2.25 -4.10
CA ALA A 82 10.72 -3.00 -3.99
C ALA A 82 11.85 -2.04 -3.59
N PRO A 83 12.95 -2.54 -3.00
CA PRO A 83 14.07 -1.64 -2.66
C PRO A 83 14.67 -0.94 -3.89
N GLY A 84 15.05 0.32 -3.74
CA GLY A 84 15.70 1.07 -4.80
C GLY A 84 14.84 1.45 -5.99
N GLN A 85 13.53 1.54 -5.82
CA GLN A 85 12.65 1.93 -6.93
C GLN A 85 12.25 3.38 -6.88
N THR A 86 11.92 3.95 -8.05
CA THR A 86 11.41 5.31 -8.18
C THR A 86 10.10 5.23 -9.00
N GLY A 87 9.33 6.30 -8.98
CA GLY A 87 8.05 6.39 -9.67
C GLY A 87 7.01 7.00 -8.74
N LYS A 88 5.83 7.31 -9.27
CA LYS A 88 4.78 7.95 -8.48
C LYS A 88 4.44 7.25 -7.16
N ILE A 89 4.48 5.90 -7.13
CA ILE A 89 4.15 5.18 -5.89
C ILE A 89 5.27 5.19 -4.92
N ALA A 90 6.48 4.80 -5.36
CA ALA A 90 7.62 4.79 -4.45
C ALA A 90 7.95 6.17 -3.92
N ASP A 91 7.75 7.19 -4.75
CA ASP A 91 8.12 8.54 -4.40
C ASP A 91 7.14 9.23 -3.50
N TYR A 92 5.84 9.15 -3.81
CA TYR A 92 4.84 9.93 -3.10
C TYR A 92 3.84 9.13 -2.27
N ASN A 93 3.84 7.77 -2.35
CA ASN A 93 2.81 6.98 -1.68
C ASN A 93 3.28 5.92 -0.71
N TYR A 94 4.19 5.07 -1.14
CA TYR A 94 4.67 3.99 -0.30
C TYR A 94 6.11 3.65 -0.68
N LYS A 95 7.04 3.91 0.25
CA LYS A 95 8.46 3.72 0.02
C LYS A 95 9.10 2.61 0.82
N LEU A 96 9.68 1.62 0.15
CA LEU A 96 10.43 0.58 0.85
C LEU A 96 11.89 1.01 0.93
N PRO A 97 12.58 0.66 2.02
CA PRO A 97 14.00 1.02 2.14
C PRO A 97 14.93 0.13 1.32
N ASP A 98 16.18 0.56 1.14
CA ASP A 98 17.15 -0.26 0.41
C ASP A 98 17.49 -1.55 1.18
N ASP A 99 17.56 -1.46 2.50
CA ASP A 99 17.88 -2.57 3.38
C ASP A 99 16.69 -3.44 3.75
N PHE A 100 15.55 -3.31 3.05
CA PHE A 100 14.31 -4.02 3.36
C PHE A 100 14.49 -5.52 3.62
N THR A 101 13.79 -6.02 4.64
CA THR A 101 13.77 -7.44 5.01
C THR A 101 12.33 -7.89 5.25
N GLY A 102 11.82 -8.66 4.31
CA GLY A 102 10.46 -9.16 4.38
C GLY A 102 9.98 -9.62 3.04
N CYS A 103 8.66 -9.56 2.79
CA CYS A 103 8.11 -10.02 1.53
C CYS A 103 7.11 -9.07 0.95
N VAL A 104 7.06 -9.03 -0.38
CA VAL A 104 6.09 -8.22 -1.10
C VAL A 104 5.19 -9.20 -1.85
N ILE A 105 3.89 -9.18 -1.55
CA ILE A 105 2.95 -10.13 -2.13
C ILE A 105 1.80 -9.42 -2.77
N ALA A 106 1.53 -9.70 -4.04
CA ALA A 106 0.45 -9.03 -4.75
C ALA A 106 -0.36 -9.98 -5.58
N TRP A 107 -1.63 -9.63 -5.80
CA TRP A 107 -2.51 -10.47 -6.60
C TRP A 107 -3.50 -9.56 -7.30
N ASN A 108 -3.98 -9.98 -8.44
CA ASN A 108 -4.94 -9.20 -9.22
C ASN A 108 -6.25 -9.17 -8.50
N SER A 109 -6.85 -7.98 -8.37
CA SER A 109 -8.16 -7.89 -7.71
C SER A 109 -9.19 -7.19 -8.55
N ASN A 110 -9.02 -7.23 -9.88
CA ASN A 110 -9.91 -6.65 -10.87
C ASN A 110 -11.37 -7.03 -10.64
N ASN A 111 -11.66 -8.29 -10.30
CA ASN A 111 -13.03 -8.76 -10.01
C ASN A 111 -13.70 -8.02 -8.82
N LEU A 112 -12.90 -7.60 -7.83
CA LEU A 112 -13.43 -6.92 -6.65
C LEU A 112 -13.34 -5.39 -6.69
N ASP A 113 -12.20 -4.87 -7.14
CA ASP A 113 -11.89 -3.47 -7.07
C ASP A 113 -12.14 -2.64 -8.32
N SER A 114 -12.45 -3.28 -9.48
CA SER A 114 -12.81 -2.49 -10.66
C SER A 114 -14.29 -2.38 -10.77
N LYS A 115 -14.77 -1.25 -11.30
CA LYS A 115 -16.20 -1.06 -11.56
C LYS A 115 -16.39 -0.53 -12.96
N VAL A 116 -17.53 -0.87 -13.64
CA VAL A 116 -17.88 -0.35 -14.97
C VAL A 116 -18.07 1.16 -14.82
N GLY A 117 -17.39 1.94 -15.65
CA GLY A 117 -17.43 3.39 -15.52
C GLY A 117 -16.27 3.91 -14.66
N GLY A 118 -15.66 3.02 -13.87
CA GLY A 118 -14.53 3.31 -12.99
C GLY A 118 -14.87 3.35 -11.51
N ASN A 119 -13.97 2.79 -10.71
CA ASN A 119 -13.97 2.83 -9.26
C ASN A 119 -12.99 3.95 -8.87
N TYR A 120 -13.56 5.13 -8.63
CA TYR A 120 -12.84 6.33 -8.22
C TYR A 120 -12.54 6.37 -6.70
N ASN A 121 -12.88 5.30 -5.97
CA ASN A 121 -12.70 5.23 -4.52
C ASN A 121 -11.31 4.84 -4.10
N TYR A 122 -10.43 4.43 -5.03
CA TYR A 122 -9.04 4.15 -4.68
C TYR A 122 -8.24 5.32 -5.15
N LEU A 123 -7.40 5.90 -4.30
CA LEU A 123 -6.62 7.07 -4.67
C LEU A 123 -5.14 6.84 -4.47
N TYR A 124 -4.36 7.69 -5.09
CA TYR A 124 -2.94 7.76 -4.86
C TYR A 124 -2.60 9.26 -4.80
N ARG A 125 -1.52 9.63 -4.15
CA ARG A 125 -1.06 11.03 -4.08
C ARG A 125 -0.39 11.35 -5.38
N LEU A 126 -0.90 12.36 -6.10
CA LEU A 126 -0.39 12.78 -7.40
C LEU A 126 0.67 13.87 -7.20
N PHE A 127 0.53 14.71 -6.16
CA PHE A 127 1.47 15.81 -5.95
C PHE A 127 2.06 15.75 -4.56
N ARG A 128 3.30 16.19 -4.42
CA ARG A 128 4.00 16.27 -3.14
C ARG A 128 5.27 17.11 -3.33
N LYS A 129 5.66 17.90 -2.33
CA LYS A 129 6.84 18.78 -2.41
C LYS A 129 8.15 18.01 -2.46
N SER A 130 8.18 16.77 -1.96
CA SER A 130 9.39 15.95 -1.93
C SER A 130 9.02 14.44 -1.82
N ASN A 131 9.99 13.55 -2.04
CA ASN A 131 9.78 12.12 -1.93
C ASN A 131 9.61 11.72 -0.46
N LEU A 132 9.00 10.56 -0.22
CA LEU A 132 8.82 10.06 1.13
C LEU A 132 10.11 9.40 1.54
N LYS A 133 10.32 9.33 2.84
CA LYS A 133 11.42 8.57 3.39
C LYS A 133 10.86 7.15 3.49
N PRO A 134 11.71 6.12 3.57
CA PRO A 134 11.18 4.75 3.67
C PRO A 134 10.18 4.58 4.84
N PHE A 135 9.01 4.00 4.53
CA PHE A 135 7.92 3.76 5.48
C PHE A 135 7.19 5.02 5.96
N GLU A 136 7.42 6.17 5.32
CA GLU A 136 6.69 7.39 5.69
C GLU A 136 5.29 7.27 5.12
N ARG A 137 4.28 7.78 5.86
CA ARG A 137 2.87 7.74 5.43
C ARG A 137 2.36 9.18 5.42
N ASP A 138 1.70 9.59 4.33
CA ASP A 138 1.17 10.94 4.23
C ASP A 138 -0.28 10.90 3.82
N ILE A 139 -1.19 11.27 4.73
CA ILE A 139 -2.61 11.31 4.40
C ILE A 139 -3.17 12.72 4.43
N SER A 140 -2.31 13.73 4.40
CA SER A 140 -2.80 15.11 4.37
C SER A 140 -3.46 15.40 3.05
N THR A 141 -4.42 16.29 3.08
CA THR A 141 -5.11 16.73 1.88
C THR A 141 -4.86 18.25 1.69
N GLU A 142 -3.64 18.71 1.98
CA GLU A 142 -3.24 20.10 1.82
C GLU A 142 -3.18 20.44 0.30
N ILE A 143 -3.83 21.54 -0.12
CA ILE A 143 -3.81 22.01 -1.48
C ILE A 143 -2.37 22.24 -1.96
N TYR A 144 -2.04 21.73 -3.14
CA TYR A 144 -0.68 21.76 -3.67
C TYR A 144 -0.39 22.97 -4.50
N GLN A 145 0.69 23.66 -4.17
CA GLN A 145 1.07 24.87 -4.87
C GLN A 145 1.81 24.46 -6.11
N ALA A 146 1.17 24.57 -7.29
CA ALA A 146 1.85 24.17 -8.53
C ALA A 146 2.58 25.32 -9.22
N GLY A 147 2.12 26.53 -9.00
CA GLY A 147 2.80 27.71 -9.53
C GLY A 147 3.77 28.28 -8.52
N SER A 148 4.27 29.45 -8.83
CA SER A 148 5.17 30.17 -7.93
C SER A 148 4.38 30.96 -6.85
N THR A 149 3.10 31.21 -7.06
CA THR A 149 2.29 31.94 -6.13
C THR A 149 1.67 31.05 -5.08
N PRO A 150 1.87 31.41 -3.80
CA PRO A 150 1.27 30.63 -2.71
C PRO A 150 -0.24 30.51 -2.79
N CYS A 151 -0.76 29.35 -2.42
CA CYS A 151 -2.15 29.02 -2.55
C CYS A 151 -2.99 29.47 -1.38
N ASN A 152 -2.36 29.58 -0.18
CA ASN A 152 -3.01 29.87 1.11
C ASN A 152 -4.18 28.88 1.34
N GLY A 153 -3.93 27.61 0.98
CA GLY A 153 -4.84 26.50 1.10
C GLY A 153 -6.10 26.56 0.28
N VAL A 154 -6.21 27.51 -0.65
CA VAL A 154 -7.41 27.65 -1.48
C VAL A 154 -7.27 26.91 -2.78
N GLU A 155 -8.17 25.96 -3.01
CA GLU A 155 -8.15 25.14 -4.21
C GLU A 155 -8.67 25.94 -5.40
N GLY A 156 -7.91 25.90 -6.49
CA GLY A 156 -8.26 26.60 -7.72
C GLY A 156 -7.10 26.69 -8.70
N PHE A 157 -7.01 27.85 -9.37
CA PHE A 157 -5.98 28.17 -10.35
C PHE A 157 -4.57 27.85 -9.84
N ASN A 158 -3.94 26.81 -10.38
CA ASN A 158 -2.58 26.39 -9.99
C ASN A 158 -2.47 25.87 -8.56
N CYS A 159 -3.58 25.57 -7.90
CA CYS A 159 -3.62 25.12 -6.52
C CYS A 159 -4.47 23.89 -6.51
N TYR A 160 -3.81 22.75 -6.49
CA TYR A 160 -4.49 21.51 -6.76
C TYR A 160 -4.69 20.60 -5.58
N PHE A 161 -5.85 19.89 -5.57
CA PHE A 161 -6.14 18.82 -4.60
C PHE A 161 -5.03 17.77 -4.77
N PRO A 162 -4.35 17.38 -3.70
CA PRO A 162 -3.13 16.57 -3.85
C PRO A 162 -3.30 15.11 -4.27
N LEU A 163 -4.51 14.58 -4.17
CA LEU A 163 -4.77 13.18 -4.42
C LEU A 163 -5.52 12.95 -5.70
N GLN A 164 -5.35 11.76 -6.29
CA GLN A 164 -5.99 11.46 -7.56
C GLN A 164 -6.69 10.09 -7.52
N SER A 165 -7.91 9.99 -8.10
CA SER A 165 -8.65 8.73 -8.21
C SER A 165 -8.04 7.83 -9.26
N TYR A 166 -8.12 6.51 -9.04
CA TYR A 166 -7.60 5.55 -10.00
C TYR A 166 -8.66 5.27 -11.08
N GLY A 167 -9.94 5.25 -10.72
CA GLY A 167 -11.01 5.03 -11.70
C GLY A 167 -10.90 3.69 -12.39
N PHE A 168 -10.55 2.66 -11.62
CA PHE A 168 -10.36 1.30 -12.14
C PHE A 168 -11.54 0.74 -12.94
N GLN A 169 -11.32 0.34 -14.19
CA GLN A 169 -12.36 -0.27 -15.01
C GLN A 169 -11.98 -1.72 -15.32
N PRO A 170 -12.94 -2.67 -15.39
CA PRO A 170 -12.57 -4.08 -15.57
C PRO A 170 -12.05 -4.42 -16.95
N THR A 171 -12.34 -3.59 -17.93
CA THR A 171 -11.89 -3.79 -19.30
C THR A 171 -10.55 -3.10 -19.60
N ASN A 172 -9.92 -2.46 -18.59
CA ASN A 172 -8.59 -1.91 -18.79
C ASN A 172 -7.62 -3.06 -18.82
N GLY A 173 -6.52 -2.87 -19.54
CA GLY A 173 -5.45 -3.85 -19.65
C GLY A 173 -4.91 -4.23 -18.28
N VAL A 174 -4.38 -5.43 -18.16
CA VAL A 174 -3.90 -6.02 -16.93
C VAL A 174 -2.97 -5.08 -16.12
N GLY A 175 -2.11 -4.33 -16.80
CA GLY A 175 -1.20 -3.42 -16.13
C GLY A 175 -1.90 -2.25 -15.47
N TYR A 176 -3.10 -1.92 -15.94
CA TYR A 176 -3.88 -0.82 -15.36
C TYR A 176 -4.98 -1.29 -14.39
N GLN A 177 -5.03 -2.58 -14.13
CA GLN A 177 -5.98 -3.17 -13.27
C GLN A 177 -5.53 -3.09 -11.81
N PRO A 178 -6.50 -3.08 -10.89
CA PRO A 178 -6.14 -3.03 -9.47
C PRO A 178 -5.53 -4.33 -8.95
N TYR A 179 -4.47 -4.20 -8.17
CA TYR A 179 -3.84 -5.32 -7.51
C TYR A 179 -3.84 -5.02 -6.01
N ARG A 180 -4.17 -6.03 -5.17
CA ARG A 180 -4.08 -5.85 -3.73
C ARG A 180 -2.66 -6.28 -3.38
N VAL A 181 -2.00 -5.48 -2.53
CA VAL A 181 -0.61 -5.73 -2.14
C VAL A 181 -0.54 -5.88 -0.65
N VAL A 182 0.24 -6.85 -0.16
CA VAL A 182 0.54 -7.01 1.23
C VAL A 182 2.08 -7.01 1.36
N VAL A 183 2.62 -6.14 2.18
CA VAL A 183 4.05 -6.01 2.43
C VAL A 183 4.27 -6.47 3.88
N LEU A 184 5.07 -7.52 4.10
CA LEU A 184 5.35 -7.99 5.44
C LEU A 184 6.75 -7.61 5.84
N SER A 185 6.90 -6.82 6.90
CA SER A 185 8.23 -6.46 7.40
C SER A 185 8.50 -7.28 8.65
N PHE A 186 9.54 -8.10 8.63
CA PHE A 186 9.89 -8.91 9.78
C PHE A 186 10.93 -8.17 10.59
N GLU A 187 10.52 -7.69 11.77
CA GLU A 187 11.42 -6.90 12.61
C GLU A 187 11.96 -7.65 13.80
N LEU A 188 13.29 -7.75 13.90
CA LEU A 188 13.91 -8.35 15.04
C LEU A 188 14.78 -7.32 15.73
N LEU A 189 14.14 -6.48 16.56
CA LEU A 189 14.81 -5.43 17.30
C LEU A 189 15.36 -5.98 18.65
N HIS A 190 16.16 -5.18 19.39
CA HIS A 190 16.70 -5.60 20.68
C HIS A 190 15.60 -5.56 21.74
N ALA A 191 14.82 -6.64 21.79
CA ALA A 191 13.68 -6.89 22.67
C ALA A 191 13.35 -8.40 22.63
N PRO A 192 12.46 -8.91 23.50
CA PRO A 192 12.13 -10.34 23.45
C PRO A 192 11.22 -10.67 22.26
N ALA A 193 11.53 -11.73 21.52
CA ALA A 193 10.76 -12.14 20.35
C ALA A 193 9.39 -12.67 20.74
N THR A 194 8.33 -12.03 20.25
CA THR A 194 6.94 -12.40 20.55
C THR A 194 6.22 -13.11 19.39
N VAL A 195 6.78 -13.09 18.18
CA VAL A 195 6.19 -13.74 17.02
C VAL A 195 7.03 -14.95 16.68
N CYS A 196 6.61 -16.12 17.13
CA CYS A 196 7.35 -17.34 16.89
C CYS A 196 6.50 -18.39 16.17
N GLY A 197 7.15 -19.38 15.58
CA GLY A 197 6.45 -20.47 14.88
C GLY A 197 5.70 -21.39 15.83
N PRO A 198 5.00 -22.40 15.28
CA PRO A 198 4.25 -23.30 16.15
C PRO A 198 5.14 -24.26 16.98
N ALA B 1 -17.35 18.24 -11.35
CA ALA B 1 -17.01 19.61 -10.97
C ALA B 1 -15.71 19.73 -10.18
N CYS B 2 -15.19 18.62 -9.63
CA CYS B 2 -13.93 18.66 -8.90
C CYS B 2 -12.87 17.95 -9.67
N MET B 3 -11.70 18.54 -9.72
CA MET B 3 -10.55 17.94 -10.36
C MET B 3 -9.91 16.93 -9.41
N PHE B 4 -9.25 15.92 -9.99
CA PHE B 4 -8.43 14.90 -9.35
C PHE B 4 -9.22 13.82 -8.59
N VAL B 5 -10.15 14.26 -7.75
CA VAL B 5 -11.03 13.37 -6.99
C VAL B 5 -12.36 14.04 -7.01
N PRO B 6 -13.40 13.37 -7.53
CA PRO B 6 -14.72 14.00 -7.56
C PRO B 6 -15.25 14.28 -6.16
N CYS B 7 -16.03 15.36 -6.03
CA CYS B 7 -16.56 15.84 -4.78
C CYS B 7 -17.28 14.80 -3.97
N ALA B 8 -18.16 13.99 -4.59
CA ALA B 8 -18.87 12.96 -3.85
C ALA B 8 -17.89 11.92 -3.30
N VAL B 9 -16.87 11.58 -4.06
CA VAL B 9 -15.86 10.63 -3.61
C VAL B 9 -15.05 11.21 -2.47
N ARG B 10 -14.72 12.53 -2.53
CA ARG B 10 -14.01 13.18 -1.43
C ARG B 10 -14.83 13.05 -0.11
N HIS B 11 -16.17 13.20 -0.20
CA HIS B 11 -17.05 13.07 0.95
C HIS B 11 -17.08 11.63 1.45
N ALA B 12 -17.19 10.67 0.55
CA ALA B 12 -17.23 9.25 0.86
C ALA B 12 -15.98 8.77 1.55
N LEU B 13 -14.83 9.33 1.19
CA LEU B 13 -13.57 8.93 1.81
C LEU B 13 -13.18 9.76 3.03
N GLY B 14 -14.02 10.71 3.43
CA GLY B 14 -13.75 11.55 4.58
C GLY B 14 -12.66 12.57 4.32
N LEU B 15 -12.67 13.19 3.16
CA LEU B 15 -11.65 14.14 2.77
C LEU B 15 -12.13 15.57 2.72
N CYS B 16 -13.29 15.89 3.32
CA CYS B 16 -13.82 17.25 3.20
C CYS B 16 -13.67 18.12 4.45
N ALA B 17 -13.43 17.48 5.61
CA ALA B 17 -13.22 18.14 6.90
C ALA B 17 -12.04 17.50 7.63
#